data_7KEV
#
_entry.id   7KEV
#
_cell.length_a   62.225
_cell.length_b   70.441
_cell.length_c   149.257
_cell.angle_alpha   90.000
_cell.angle_beta   90.000
_cell.angle_gamma   90.000
#
_symmetry.space_group_name_H-M   'P 21 21 21'
#
loop_
_entity.id
_entity.type
_entity.pdbx_description
1 polymer 'Proprotein convertase subtilisin/kexin type 9 Propeptide'
2 polymer 'Proprotein convertase subtilisin/kexin type 9'
3 polymer 'cyclic peptide LDLR disruptor'
4 non-polymer 'CALCIUM ION'
5 water water
#
loop_
_entity_poly.entity_id
_entity_poly.type
_entity_poly.pdbx_seq_one_letter_code
_entity_poly.pdbx_strand_id
1 'polypeptide(L)'
;RAQEDEDGDYEELVLALRSEEDGLAEAPEHGTTATFHRCAKDPWRLPGTYVVVLKEETHLSQSERTARRLQAQAARRGYL
TKILHVFHGLLPGFLVKMSGDLLELALKLPHVDYIEEDSSVFAQ
;
A
2 'polypeptide(L)'
;SIPWNLERITPPRYRADEYQPPDGGSLVEVYLLDTSIQSDHREIEGRVMVTDFENVPEEDGTRFHRQASKCDSHGTHLAG
VVSGRDAGVAKGASMRSLRVLNCQGKGTVSGTLIGLEFIRKSQLVQPVGPLVVLLPLAGGYSRVLNAACQRLARAGVVLV
TAAGNFRDDACLYSPASAPEVITVGATNAQDQPVTLGTLGTNFGRCVDLFAPGEDIIGASSDCSTCFVSQSGTSQAAAHV
AGIAAMMLSAEPELTLAELRQRLIHFSAKDVINEAWFPEDQRVLTPNLVAALPPSTHGAGWQLFCRTVWSAHSGPTRMAT
AIARCAPDEELLSCSSFSRSGKRRGERMEAQGGKLVCRAHNAFGGEGVYAIARCCLLPQANCSVHTAPPAEASMGTRVHC
HQQGHVLTGCSSHWEVEDLGTHKPPVLRPRGQPNQCVGHREASIHASCCHAPGLECKVKEHGIPAPQEQVTVACEEGWTL
TGCSALPGTSHVLGAYAVDNTCVVRSRDVSTTGSTSEEAVTAVAICCRSRHLAQASQELQHHHHHH
;
B
3 'polypeptide(L)' (ACE)FVST(ALO)(WCM)(WCM)DRPCG(NH2) C
#
loop_
_chem_comp.id
_chem_comp.type
_chem_comp.name
_chem_comp.formula
ACE non-polymer 'ACETYL GROUP' 'C2 H4 O'
CA non-polymer 'CALCIUM ION' 'Ca 2'
NH2 non-polymer 'AMINO GROUP' 'H2 N'
#
# COMPACT_ATOMS: atom_id res chain seq x y z
N THR A 33 21.74 12.14 16.33
CA THR A 33 20.37 11.92 15.88
C THR A 33 20.28 11.49 14.39
N ALA A 34 21.27 11.85 13.57
CA ALA A 34 21.25 11.51 12.14
C ALA A 34 21.78 10.09 11.94
N THR A 35 21.06 9.30 11.14
CA THR A 35 21.36 7.89 10.99
C THR A 35 21.63 7.55 9.52
N PHE A 36 22.30 6.42 9.32
CA PHE A 36 22.67 5.92 8.00
C PHE A 36 21.91 4.63 7.72
N HIS A 37 21.58 4.42 6.45
CA HIS A 37 20.80 3.26 6.03
C HIS A 37 21.30 2.78 4.69
N ARG A 38 21.19 1.47 4.47
CA ARG A 38 21.59 0.92 3.19
C ARG A 38 20.87 -0.40 2.97
N CYS A 39 20.71 -0.74 1.70
CA CYS A 39 19.85 -1.82 1.29
C CYS A 39 20.33 -3.14 1.89
N ALA A 40 19.38 -3.98 2.32
CA ALA A 40 19.79 -5.26 2.89
C ALA A 40 20.07 -6.29 1.82
N LYS A 41 19.40 -6.23 0.67
CA LYS A 41 19.69 -7.20 -0.36
C LYS A 41 21.03 -6.79 -0.98
N ASP A 42 22.09 -7.46 -0.51
CA ASP A 42 23.44 -6.97 -0.72
C ASP A 42 23.83 -6.80 -2.18
N PRO A 43 23.45 -7.69 -3.11
CA PRO A 43 23.78 -7.43 -4.53
C PRO A 43 23.00 -6.29 -5.18
N TRP A 44 22.04 -5.65 -4.48
CA TRP A 44 21.33 -4.49 -5.02
C TRP A 44 21.92 -3.16 -4.54
N ARG A 45 22.88 -3.18 -3.62
CA ARG A 45 23.50 -1.95 -3.16
C ARG A 45 24.22 -1.23 -4.31
N LEU A 46 24.39 0.09 -4.17
CA LEU A 46 25.17 0.87 -5.13
C LEU A 46 26.13 1.80 -4.39
N PRO A 47 27.20 1.24 -3.82
CA PRO A 47 28.11 2.08 -3.01
C PRO A 47 28.72 3.21 -3.81
N GLY A 48 29.04 4.30 -3.10
CA GLY A 48 29.68 5.47 -3.68
C GLY A 48 28.75 6.61 -4.03
N THR A 49 27.44 6.36 -4.07
CA THR A 49 26.44 7.39 -4.32
C THR A 49 25.45 7.36 -3.17
N TYR A 50 25.24 8.52 -2.54
CA TYR A 50 24.48 8.61 -1.30
C TYR A 50 23.40 9.68 -1.42
N VAL A 51 22.24 9.41 -0.81
CA VAL A 51 21.14 10.35 -0.77
C VAL A 51 21.14 11.00 0.62
N VAL A 52 21.70 12.20 0.72
CA VAL A 52 21.63 12.98 1.95
C VAL A 52 20.24 13.61 2.06
N VAL A 53 19.52 13.27 3.13
CA VAL A 53 18.17 13.75 3.38
C VAL A 53 18.21 14.63 4.62
N LEU A 54 17.88 15.90 4.46
CA LEU A 54 17.85 16.88 5.55
C LEU A 54 16.46 16.89 6.20
N LYS A 55 16.32 17.69 7.26
CA LYS A 55 15.07 17.75 8.01
C LYS A 55 13.99 18.48 7.24
N GLU A 56 12.75 18.01 7.40
CA GLU A 56 11.49 18.54 6.87
C GLU A 56 11.46 20.04 6.52
N GLU A 57 11.95 20.87 7.43
CA GLU A 57 11.75 22.31 7.40
C GLU A 57 12.92 23.04 6.75
N THR A 58 13.72 22.34 5.96
CA THR A 58 14.95 22.88 5.41
C THR A 58 14.65 23.48 4.04
N HIS A 59 15.22 24.65 3.81
CA HIS A 59 15.03 25.38 2.56
C HIS A 59 16.09 24.99 1.55
N LEU A 60 15.75 25.18 0.27
CA LEU A 60 16.64 24.76 -0.82
C LEU A 60 18.00 25.45 -0.75
N SER A 61 18.04 26.72 -0.36
CA SER A 61 19.34 27.38 -0.27
C SER A 61 20.14 26.87 0.92
N GLN A 62 19.45 26.47 2.00
CA GLN A 62 20.11 25.76 3.09
C GLN A 62 20.69 24.43 2.62
N SER A 63 19.90 23.67 1.83
CA SER A 63 20.37 22.37 1.33
C SER A 63 21.59 22.51 0.43
N GLU A 64 21.66 23.57 -0.37
CA GLU A 64 22.83 23.75 -1.22
C GLU A 64 24.03 24.18 -0.39
N ARG A 65 23.82 24.99 0.65
CA ARG A 65 24.93 25.37 1.51
C ARG A 65 25.50 24.14 2.19
N THR A 66 24.62 23.29 2.72
CA THR A 66 25.04 22.07 3.39
C THR A 66 25.78 21.13 2.45
N ALA A 67 25.36 21.09 1.18
CA ALA A 67 26.00 20.18 0.24
C ALA A 67 27.37 20.68 -0.16
N ARG A 68 27.52 21.99 -0.36
CA ARG A 68 28.82 22.54 -0.68
C ARG A 68 29.75 22.53 0.54
N ARG A 69 29.19 22.57 1.75
CA ARG A 69 29.98 22.43 2.96
C ARG A 69 30.61 21.04 3.04
N LEU A 70 29.89 20.02 2.60
CA LEU A 70 30.45 18.68 2.52
C LEU A 70 31.66 18.65 1.59
N GLN A 71 31.50 19.13 0.36
CA GLN A 71 32.64 19.17 -0.57
C GLN A 71 33.77 20.00 -0.02
N ALA A 72 33.45 21.06 0.72
CA ALA A 72 34.48 21.89 1.31
C ALA A 72 35.35 21.08 2.27
N GLN A 73 34.72 20.38 3.21
CA GLN A 73 35.47 19.60 4.19
C GLN A 73 36.02 18.30 3.60
N ALA A 74 35.35 17.72 2.60
CA ALA A 74 35.91 16.54 1.93
C ALA A 74 37.14 16.90 1.10
N ALA A 75 37.17 18.10 0.54
CA ALA A 75 38.36 18.55 -0.18
C ALA A 75 39.53 18.74 0.76
N ARG A 76 39.27 19.20 1.99
CA ARG A 76 40.33 19.34 2.98
C ARG A 76 40.99 18.00 3.27
N ARG A 77 40.23 16.90 3.19
CA ARG A 77 40.76 15.56 3.42
CA ARG A 77 40.78 15.58 3.42
C ARG A 77 41.28 14.91 2.15
N GLY A 78 41.34 15.65 1.04
CA GLY A 78 41.83 15.08 -0.20
C GLY A 78 40.88 14.11 -0.87
N TYR A 79 39.57 14.31 -0.71
CA TYR A 79 38.55 13.53 -1.38
C TYR A 79 37.82 14.43 -2.37
N LEU A 80 37.53 13.90 -3.56
CA LEU A 80 36.70 14.64 -4.49
C LEU A 80 35.26 14.12 -4.45
N THR A 81 34.33 15.07 -4.49
CA THR A 81 32.90 14.80 -4.37
C THR A 81 32.17 15.49 -5.50
N LYS A 82 31.05 14.91 -5.92
CA LYS A 82 30.22 15.53 -6.96
C LYS A 82 28.78 15.52 -6.47
N ILE A 83 28.23 16.72 -6.21
CA ILE A 83 26.80 16.92 -6.00
C ILE A 83 26.11 16.68 -7.33
N LEU A 84 25.35 15.58 -7.43
CA LEU A 84 24.72 15.23 -8.70
C LEU A 84 23.34 15.85 -8.87
N HIS A 85 22.73 16.32 -7.78
CA HIS A 85 21.35 16.78 -7.76
C HIS A 85 21.00 17.23 -6.36
N VAL A 86 20.26 18.33 -6.22
CA VAL A 86 19.81 18.83 -4.93
C VAL A 86 18.28 18.77 -4.91
N PHE A 87 17.72 18.21 -3.84
CA PHE A 87 16.29 17.94 -3.79
C PHE A 87 15.54 19.07 -3.12
N HIS A 88 14.29 19.23 -3.54
CA HIS A 88 13.34 20.20 -2.99
C HIS A 88 12.03 20.00 -3.71
N GLY A 89 10.94 20.05 -2.95
CA GLY A 89 9.64 19.88 -3.57
C GLY A 89 8.96 18.65 -3.03
N LEU A 90 9.72 17.59 -2.81
CA LEU A 90 9.20 16.46 -2.04
C LEU A 90 9.94 16.27 -0.73
N LEU A 91 11.27 16.15 -0.77
CA LEU A 91 12.08 16.13 0.44
C LEU A 91 13.27 17.04 0.28
N PRO A 92 13.81 17.58 1.38
CA PRO A 92 14.99 18.43 1.31
C PRO A 92 16.29 17.64 1.44
N GLY A 93 17.21 17.83 0.51
CA GLY A 93 18.44 17.07 0.56
C GLY A 93 19.15 17.11 -0.77
N PHE A 94 20.11 16.21 -0.95
CA PHE A 94 20.87 16.20 -2.18
C PHE A 94 21.45 14.81 -2.40
N LEU A 95 22.03 14.62 -3.58
CA LEU A 95 22.56 13.34 -4.01
C LEU A 95 24.04 13.55 -4.34
N VAL A 96 24.91 12.84 -3.64
CA VAL A 96 26.34 13.09 -3.69
C VAL A 96 27.09 11.83 -4.08
N LYS A 97 28.07 11.99 -4.97
CA LYS A 97 28.97 10.91 -5.41
C LYS A 97 30.27 11.07 -4.64
N MET A 98 30.54 10.15 -3.74
CA MET A 98 31.65 10.31 -2.81
C MET A 98 31.99 8.95 -2.21
N SER A 99 33.12 8.93 -1.49
CA SER A 99 33.51 7.76 -0.72
C SER A 99 32.58 7.60 0.47
N GLY A 100 32.35 6.33 0.84
CA GLY A 100 31.67 6.08 2.09
C GLY A 100 32.47 6.54 3.30
N ASP A 101 33.77 6.77 3.13
CA ASP A 101 34.60 7.20 4.25
C ASP A 101 34.09 8.50 4.86
N LEU A 102 33.44 9.33 4.05
CA LEU A 102 32.98 10.64 4.49
C LEU A 102 31.65 10.57 5.23
N LEU A 103 31.15 9.36 5.51
CA LEU A 103 29.82 9.23 6.10
C LEU A 103 29.78 9.73 7.54
N GLU A 104 30.83 9.55 8.33
CA GLU A 104 30.84 10.20 9.64
C GLU A 104 30.81 11.71 9.50
N LEU A 105 31.59 12.23 8.56
CA LEU A 105 31.63 13.67 8.35
C LEU A 105 30.27 14.20 7.91
N ALA A 106 29.60 13.46 7.02
CA ALA A 106 28.32 13.90 6.47
C ALA A 106 27.18 13.77 7.48
N LEU A 107 27.26 12.80 8.38
CA LEU A 107 26.24 12.66 9.40
C LEU A 107 26.24 13.81 10.40
N LYS A 108 27.38 14.47 10.59
CA LYS A 108 27.50 15.55 11.55
C LYS A 108 27.19 16.93 10.95
N LEU A 109 27.00 17.01 9.64
CA LEU A 109 26.62 18.26 9.02
C LEU A 109 25.30 18.74 9.63
N PRO A 110 25.11 20.05 9.75
CA PRO A 110 23.85 20.57 10.30
C PRO A 110 22.69 20.23 9.38
N HIS A 111 21.49 20.16 9.98
CA HIS A 111 20.25 19.92 9.25
C HIS A 111 20.09 18.49 8.76
N VAL A 112 21.12 17.64 8.88
CA VAL A 112 21.06 16.30 8.32
C VAL A 112 20.12 15.42 9.13
N ASP A 113 19.24 14.69 8.44
CA ASP A 113 18.21 13.86 9.03
C ASP A 113 18.52 12.37 8.89
N TYR A 114 18.90 11.94 7.68
CA TYR A 114 19.47 10.62 7.48
C TYR A 114 20.13 10.58 6.12
N ILE A 115 20.99 9.58 5.94
CA ILE A 115 21.66 9.35 4.69
C ILE A 115 21.41 7.91 4.29
N GLU A 116 21.20 7.67 3.01
CA GLU A 116 20.93 6.33 2.52
C GLU A 116 21.75 6.07 1.26
N GLU A 117 22.47 4.96 1.27
CA GLU A 117 23.20 4.53 0.09
C GLU A 117 22.24 4.24 -1.05
N ASP A 118 22.61 4.65 -2.25
CA ASP A 118 21.78 4.38 -3.41
C ASP A 118 21.75 2.89 -3.68
N SER A 119 20.64 2.43 -4.25
CA SER A 119 20.49 1.01 -4.56
C SER A 119 19.67 0.83 -5.83
N SER A 120 19.63 -0.41 -6.31
CA SER A 120 19.04 -0.71 -7.60
C SER A 120 17.57 -1.01 -7.47
N VAL A 121 16.79 -0.56 -8.46
CA VAL A 121 15.40 -0.96 -8.60
C VAL A 121 15.28 -1.70 -9.93
N PHE A 122 14.27 -2.55 -10.04
CA PHE A 122 14.12 -3.43 -11.18
C PHE A 122 12.69 -3.37 -11.71
N ALA A 123 12.55 -3.60 -13.01
CA ALA A 123 11.23 -3.63 -13.63
C ALA A 123 10.45 -4.83 -13.10
N GLN A 124 9.19 -4.63 -12.80
CA GLN A 124 8.39 -5.71 -12.24
C GLN A 124 7.31 -6.19 -13.20
N SER B 1 -13.13 -13.39 -27.68
CA SER B 1 -12.56 -12.24 -28.36
C SER B 1 -12.48 -11.04 -27.42
N ILE B 2 -12.36 -11.36 -26.13
CA ILE B 2 -12.10 -10.35 -25.11
C ILE B 2 -11.07 -10.95 -24.16
N PRO B 3 -9.94 -10.30 -23.94
CA PRO B 3 -8.88 -10.90 -23.13
C PRO B 3 -9.36 -11.21 -21.72
N TRP B 4 -8.90 -12.35 -21.18
CA TRP B 4 -9.40 -12.85 -19.90
C TRP B 4 -9.31 -11.79 -18.81
N ASN B 5 -8.24 -11.00 -18.82
CA ASN B 5 -8.03 -10.01 -17.77
C ASN B 5 -9.05 -8.88 -17.84
N LEU B 6 -9.43 -8.49 -19.05
CA LEU B 6 -10.41 -7.41 -19.16
C LEU B 6 -11.79 -7.89 -18.73
N GLU B 7 -12.12 -9.16 -18.99
CA GLU B 7 -13.40 -9.71 -18.51
C GLU B 7 -13.39 -9.89 -17.00
N ARG B 8 -12.24 -10.23 -16.42
CA ARG B 8 -12.17 -10.47 -14.99
C ARG B 8 -12.51 -9.22 -14.21
N ILE B 9 -11.99 -8.06 -14.64
CA ILE B 9 -12.26 -6.80 -13.96
C ILE B 9 -13.60 -6.19 -14.34
N THR B 10 -14.34 -6.82 -15.23
CA THR B 10 -15.71 -6.41 -15.48
C THR B 10 -16.61 -6.92 -14.36
N PRO B 11 -17.37 -6.06 -13.70
CA PRO B 11 -18.25 -6.52 -12.62
C PRO B 11 -19.40 -7.36 -13.17
N PRO B 12 -20.09 -8.12 -12.30
CA PRO B 12 -21.25 -8.90 -12.76
C PRO B 12 -22.44 -8.06 -13.21
N ARG B 13 -22.37 -6.74 -13.09
CA ARG B 13 -23.36 -5.82 -13.65
C ARG B 13 -22.63 -4.54 -14.01
N TYR B 14 -22.73 -4.12 -15.27
CA TYR B 14 -21.85 -3.08 -15.81
C TYR B 14 -22.56 -2.34 -16.94
N ARG B 15 -22.42 -0.99 -16.97
CA ARG B 15 -22.87 -0.10 -18.10
C ARG B 15 -21.68 0.08 -19.07
N SER B 26 -9.75 10.62 -18.20
CA SER B 26 -10.02 11.60 -19.24
C SER B 26 -9.52 12.98 -18.80
N LEU B 27 -10.17 13.54 -17.79
CA LEU B 27 -9.60 14.65 -17.04
C LEU B 27 -8.55 14.19 -16.04
N VAL B 28 -8.23 12.91 -16.02
CA VAL B 28 -7.17 12.33 -15.19
C VAL B 28 -5.93 12.13 -16.05
N GLU B 29 -4.76 12.36 -15.47
CA GLU B 29 -3.52 12.03 -16.12
C GLU B 29 -2.82 10.89 -15.37
N VAL B 30 -2.09 10.06 -16.12
CA VAL B 30 -1.42 8.90 -15.55
C VAL B 30 0.05 9.00 -15.90
N TYR B 31 0.89 9.22 -14.91
CA TYR B 31 2.33 9.21 -15.14
C TYR B 31 2.87 7.78 -15.05
N LEU B 32 3.91 7.51 -15.83
CA LEU B 32 4.49 6.18 -15.87
C LEU B 32 6.01 6.32 -15.81
N LEU B 33 6.63 5.65 -14.83
CA LEU B 33 8.08 5.62 -14.67
C LEU B 33 8.58 4.21 -14.97
N ASP B 34 9.13 4.00 -16.16
CA ASP B 34 10.06 2.88 -16.32
C ASP B 34 10.95 3.04 -17.55
N THR B 35 10.86 2.12 -18.49
CA THR B 35 11.77 2.12 -19.62
C THR B 35 11.34 3.16 -20.64
N SER B 36 12.07 3.21 -21.75
CA SER B 36 11.61 3.92 -22.92
C SER B 36 10.30 3.31 -23.42
N ILE B 37 9.66 4.03 -24.34
CA ILE B 37 8.33 3.70 -24.85
C ILE B 37 8.34 3.84 -26.36
N GLN B 38 7.63 2.94 -27.05
CA GLN B 38 7.35 3.12 -28.47
C GLN B 38 6.07 3.93 -28.59
N SER B 39 6.20 5.25 -28.47
CA SER B 39 5.03 6.13 -28.40
C SER B 39 4.21 6.15 -29.69
N ASP B 40 4.80 5.74 -30.81
CA ASP B 40 4.03 5.60 -32.03
C ASP B 40 3.69 4.13 -32.28
N HIS B 41 3.11 3.50 -31.27
CA HIS B 41 2.48 2.19 -31.41
C HIS B 41 0.97 2.42 -31.41
N ARG B 42 0.27 1.75 -32.34
CA ARG B 42 -1.12 2.09 -32.60
C ARG B 42 -2.02 1.91 -31.38
N GLU B 43 -1.62 1.05 -30.44
CA GLU B 43 -2.38 0.89 -29.20
C GLU B 43 -2.37 2.17 -28.37
N ILE B 44 -1.20 2.81 -28.29
CA ILE B 44 -1.01 3.94 -27.39
C ILE B 44 -0.74 5.25 -28.12
N GLU B 45 -0.57 5.21 -29.44
CA GLU B 45 -0.21 6.40 -30.20
C GLU B 45 -1.20 7.53 -29.97
N GLY B 46 -0.66 8.73 -29.75
CA GLY B 46 -1.45 9.92 -29.51
C GLY B 46 -1.88 10.11 -28.07
N ARG B 47 -1.88 9.05 -27.27
CA ARG B 47 -2.38 9.15 -25.91
C ARG B 47 -1.25 9.21 -24.86
N VAL B 48 0.00 9.19 -25.31
CA VAL B 48 1.15 8.98 -24.43
C VAL B 48 2.20 10.03 -24.76
N MET B 49 2.26 11.10 -23.96
CA MET B 49 3.28 12.11 -24.11
C MET B 49 4.57 11.63 -23.46
N VAL B 50 5.64 11.50 -24.24
CA VAL B 50 6.93 11.10 -23.70
C VAL B 50 7.63 12.37 -23.20
N THR B 51 7.66 12.54 -21.88
CA THR B 51 8.31 13.70 -21.26
C THR B 51 9.77 13.82 -21.66
N ASP B 52 10.40 12.70 -22.00
CA ASP B 52 11.84 12.57 -22.26
C ASP B 52 12.69 12.83 -21.02
N PHE B 53 12.09 12.87 -19.83
CA PHE B 53 12.88 12.81 -18.61
C PHE B 53 13.66 11.51 -18.58
N GLU B 54 14.89 11.56 -18.09
CA GLU B 54 15.70 10.36 -18.11
C GLU B 54 16.69 10.36 -16.96
N ASN B 55 16.67 9.26 -16.20
CA ASN B 55 17.65 9.01 -15.14
C ASN B 55 17.79 7.49 -15.05
N VAL B 56 18.70 6.95 -15.85
CA VAL B 56 18.90 5.50 -15.90
C VAL B 56 20.39 5.18 -15.73
N PRO B 57 20.72 4.08 -15.07
CA PRO B 57 22.13 3.70 -14.92
C PRO B 57 22.70 3.16 -16.21
N GLU B 58 24.04 3.14 -16.28
CA GLU B 58 24.71 2.68 -17.48
C GLU B 58 24.60 1.17 -17.59
N GLU B 59 24.33 0.67 -18.79
CA GLU B 59 24.07 -0.74 -19.00
C GLU B 59 25.38 -1.52 -18.87
N ASP B 60 25.40 -2.50 -17.97
CA ASP B 60 26.56 -3.37 -17.81
C ASP B 60 26.47 -4.57 -18.75
N ALA B 68 17.40 -2.94 -29.53
CA ALA B 68 16.68 -1.69 -29.33
C ALA B 68 15.23 -1.98 -28.98
N SER B 69 14.63 -2.95 -29.67
CA SER B 69 13.25 -3.33 -29.37
C SER B 69 13.09 -3.87 -27.97
N LYS B 70 14.18 -4.35 -27.36
CA LYS B 70 14.17 -4.83 -25.98
C LYS B 70 14.11 -3.69 -24.98
N CYS B 71 14.61 -2.50 -25.35
CA CYS B 71 14.68 -1.38 -24.41
C CYS B 71 13.30 -0.92 -23.95
N ASP B 72 12.32 -0.89 -24.85
CA ASP B 72 11.02 -0.30 -24.53
C ASP B 72 9.92 -1.35 -24.37
N SER B 73 10.28 -2.62 -24.24
CA SER B 73 9.27 -3.68 -24.21
C SER B 73 8.40 -3.58 -22.97
N HIS B 74 9.02 -3.33 -21.81
CA HIS B 74 8.31 -3.34 -20.53
C HIS B 74 7.34 -2.17 -20.42
N GLY B 75 7.81 -0.96 -20.75
CA GLY B 75 6.96 0.21 -20.67
C GLY B 75 5.93 0.29 -21.77
N THR B 76 6.26 -0.17 -22.98
CA THR B 76 5.28 -0.16 -24.06
C THR B 76 4.10 -1.04 -23.69
N HIS B 77 4.38 -2.25 -23.24
CA HIS B 77 3.33 -3.14 -22.77
C HIS B 77 2.46 -2.47 -21.71
N LEU B 78 3.09 -1.76 -20.77
CA LEU B 78 2.35 -1.29 -19.60
C LEU B 78 1.51 -0.06 -19.92
N ALA B 79 2.05 0.88 -20.71
CA ALA B 79 1.21 1.94 -21.24
C ALA B 79 0.05 1.38 -22.04
N GLY B 80 0.25 0.24 -22.69
CA GLY B 80 -0.83 -0.38 -23.43
C GLY B 80 -1.89 -0.98 -22.54
N VAL B 81 -1.47 -1.60 -21.43
CA VAL B 81 -2.42 -2.14 -20.46
C VAL B 81 -3.24 -1.03 -19.83
N VAL B 82 -2.61 0.12 -19.60
CA VAL B 82 -3.31 1.22 -18.94
C VAL B 82 -4.32 1.86 -19.90
N SER B 83 -3.92 2.19 -21.12
CA SER B 83 -4.83 2.95 -21.97
C SER B 83 -4.89 2.50 -23.44
N GLY B 84 -4.33 1.33 -23.79
CA GLY B 84 -4.35 0.89 -25.18
C GLY B 84 -5.76 0.82 -25.74
N ARG B 85 -5.86 1.04 -27.05
CA ARG B 85 -7.17 1.23 -27.70
C ARG B 85 -8.00 -0.06 -27.68
N ASP B 86 -7.36 -1.21 -27.88
CA ASP B 86 -8.07 -2.49 -27.93
C ASP B 86 -7.88 -3.35 -26.69
N ALA B 87 -6.73 -3.24 -26.02
CA ALA B 87 -6.40 -4.13 -24.91
C ALA B 87 -6.10 -3.35 -23.63
N GLY B 88 -6.42 -2.07 -23.59
CA GLY B 88 -6.22 -1.27 -22.40
C GLY B 88 -7.45 -1.27 -21.50
N VAL B 89 -7.18 -1.12 -20.20
CA VAL B 89 -8.27 -1.03 -19.22
C VAL B 89 -8.99 0.29 -19.32
N ALA B 90 -8.26 1.41 -19.25
CA ALA B 90 -8.86 2.75 -19.27
C ALA B 90 -8.52 3.44 -20.59
N LYS B 91 -9.18 2.99 -21.67
CA LYS B 91 -8.95 3.60 -22.97
C LYS B 91 -9.29 5.09 -22.92
N GLY B 92 -8.52 5.89 -23.66
CA GLY B 92 -8.72 7.31 -23.62
C GLY B 92 -8.14 8.02 -22.41
N ALA B 93 -7.28 7.35 -21.65
CA ALA B 93 -6.57 7.99 -20.55
C ALA B 93 -5.29 8.62 -21.09
N SER B 94 -5.03 9.86 -20.69
CA SER B 94 -3.77 10.51 -21.03
C SER B 94 -2.65 10.00 -20.13
N MET B 95 -1.47 9.79 -20.74
CA MET B 95 -0.30 9.24 -20.06
C MET B 95 0.91 10.11 -20.32
N ARG B 96 1.74 10.29 -19.31
CA ARG B 96 3.07 10.88 -19.49
C ARG B 96 4.13 9.88 -19.02
N SER B 97 5.25 9.86 -19.74
CA SER B 97 6.24 8.80 -19.61
C SER B 97 7.58 9.36 -19.14
N LEU B 98 8.09 8.82 -18.03
CA LEU B 98 9.43 9.14 -17.52
C LEU B 98 10.31 7.90 -17.60
N ARG B 99 11.55 8.08 -18.07
CA ARG B 99 12.48 6.96 -18.20
C ARG B 99 13.35 6.88 -16.96
N VAL B 100 13.14 5.82 -16.16
CA VAL B 100 13.94 5.55 -14.99
C VAL B 100 14.60 4.18 -15.01
N LEU B 101 14.15 3.25 -15.87
CA LEU B 101 14.80 1.95 -16.04
C LEU B 101 15.52 1.90 -17.38
N ASN B 102 16.74 1.34 -17.37
CA ASN B 102 17.53 1.29 -18.60
C ASN B 102 17.10 0.14 -19.50
N CYS B 103 17.94 -0.25 -20.48
CA CYS B 103 17.55 -1.27 -21.44
C CYS B 103 17.51 -2.68 -20.84
N GLN B 104 18.11 -2.88 -19.66
CA GLN B 104 18.05 -4.16 -18.98
C GLN B 104 16.98 -4.20 -17.89
N GLY B 105 16.04 -3.25 -17.93
CA GLY B 105 15.01 -3.16 -16.91
C GLY B 105 15.50 -2.66 -15.58
N LYS B 106 16.68 -2.04 -15.52
CA LYS B 106 17.30 -1.67 -14.26
C LYS B 106 17.32 -0.16 -14.07
N GLY B 107 17.10 0.27 -12.82
CA GLY B 107 17.13 1.67 -12.43
C GLY B 107 17.73 1.86 -11.05
N THR B 108 17.63 3.07 -10.49
CA THR B 108 18.10 3.32 -9.13
C THR B 108 17.00 4.00 -8.32
N VAL B 109 17.17 3.99 -7.00
CA VAL B 109 16.27 4.74 -6.13
C VAL B 109 16.44 6.23 -6.40
N SER B 110 17.70 6.69 -6.51
CA SER B 110 17.95 8.10 -6.78
C SER B 110 17.31 8.53 -8.10
N GLY B 111 17.39 7.69 -9.13
CA GLY B 111 16.69 8.00 -10.37
C GLY B 111 15.19 8.14 -10.16
N THR B 112 14.62 7.27 -9.33
CA THR B 112 13.19 7.28 -9.07
C THR B 112 12.76 8.43 -8.19
N LEU B 113 13.62 8.89 -7.28
CA LEU B 113 13.32 10.11 -6.54
C LEU B 113 13.29 11.31 -7.48
N ILE B 114 14.38 11.52 -8.22
CA ILE B 114 14.44 12.63 -9.18
C ILE B 114 13.28 12.54 -10.16
N GLY B 115 12.79 11.33 -10.43
CA GLY B 115 11.63 11.21 -11.30
C GLY B 115 10.35 11.65 -10.63
N LEU B 116 10.11 11.15 -9.42
CA LEU B 116 8.93 11.58 -8.66
C LEU B 116 8.95 13.08 -8.39
N GLU B 117 10.14 13.61 -8.10
CA GLU B 117 10.28 15.04 -7.88
C GLU B 117 9.91 15.83 -9.14
N PHE B 118 10.27 15.30 -10.31
CA PHE B 118 9.93 15.94 -11.57
C PHE B 118 8.42 15.97 -11.79
N ILE B 119 7.73 14.92 -11.39
CA ILE B 119 6.28 14.90 -11.56
C ILE B 119 5.63 15.99 -10.72
N ARG B 120 6.04 16.10 -9.44
CA ARG B 120 5.41 17.08 -8.56
C ARG B 120 5.68 18.50 -9.03
N LYS B 121 6.89 18.77 -9.54
CA LYS B 121 7.19 20.11 -10.01
C LYS B 121 6.55 20.39 -11.36
N SER B 122 6.29 19.35 -12.15
CA SER B 122 5.46 19.52 -13.34
C SER B 122 4.05 19.94 -12.95
N GLN B 123 3.53 19.37 -11.87
CA GLN B 123 2.16 19.61 -11.45
C GLN B 123 2.00 20.98 -10.80
N LEU B 124 3.05 21.48 -10.15
CA LEU B 124 3.01 22.83 -9.62
C LEU B 124 3.12 23.85 -10.73
N VAL B 125 3.91 23.54 -11.76
CA VAL B 125 4.17 24.52 -12.81
C VAL B 125 3.06 24.59 -13.84
N GLN B 126 2.27 23.53 -14.02
CA GLN B 126 1.17 23.54 -14.99
C GLN B 126 0.05 22.61 -14.52
N PRO B 127 -0.66 22.98 -13.46
CA PRO B 127 -1.63 22.06 -12.84
C PRO B 127 -2.64 21.50 -13.82
N VAL B 128 -3.17 20.33 -13.45
CA VAL B 128 -4.18 19.61 -14.22
C VAL B 128 -5.16 18.97 -13.25
N GLY B 129 -5.79 17.87 -13.67
CA GLY B 129 -6.76 17.21 -12.84
C GLY B 129 -6.08 16.27 -11.87
N PRO B 130 -6.83 15.27 -11.42
CA PRO B 130 -6.23 14.22 -10.58
C PRO B 130 -5.07 13.53 -11.29
N LEU B 131 -4.09 13.11 -10.50
CA LEU B 131 -2.85 12.51 -10.98
C LEU B 131 -2.73 11.08 -10.49
N VAL B 132 -2.35 10.16 -11.39
CA VAL B 132 -2.17 8.75 -11.03
C VAL B 132 -0.77 8.34 -11.48
N VAL B 133 0.18 8.29 -10.54
CA VAL B 133 1.54 7.87 -10.83
C VAL B 133 1.63 6.35 -10.69
N LEU B 134 2.04 5.67 -11.75
CA LEU B 134 2.25 4.24 -11.74
C LEU B 134 3.73 3.96 -11.52
N LEU B 135 4.05 3.13 -10.52
CA LEU B 135 5.41 2.73 -10.19
C LEU B 135 5.56 1.23 -10.46
N PRO B 136 5.86 0.84 -11.70
CA PRO B 136 5.96 -0.58 -12.05
C PRO B 136 7.35 -1.13 -11.79
N LEU B 137 7.91 -0.77 -10.64
CA LEU B 137 9.27 -1.16 -10.29
C LEU B 137 9.31 -1.52 -8.81
N ALA B 138 10.46 -2.06 -8.39
CA ALA B 138 10.65 -2.48 -7.01
C ALA B 138 12.13 -2.66 -6.73
N GLY B 139 12.53 -2.24 -5.55
CA GLY B 139 13.77 -2.67 -4.95
C GLY B 139 13.54 -3.00 -3.49
N GLY B 140 14.61 -3.29 -2.78
CA GLY B 140 14.51 -3.52 -1.36
C GLY B 140 13.95 -2.31 -0.62
N TYR B 141 13.34 -2.60 0.54
CA TYR B 141 12.83 -1.56 1.44
C TYR B 141 13.77 -0.36 1.50
N SER B 142 13.27 0.80 1.09
CA SER B 142 14.03 2.03 1.15
C SER B 142 13.35 3.05 2.06
N ARG B 143 14.09 3.58 3.03
CA ARG B 143 13.55 4.67 3.81
C ARG B 143 13.25 5.87 2.90
N VAL B 144 14.16 6.21 1.99
CA VAL B 144 14.04 7.46 1.26
C VAL B 144 12.93 7.37 0.21
N LEU B 145 12.76 6.20 -0.41
CA LEU B 145 11.76 6.08 -1.47
C LEU B 145 10.35 6.02 -0.89
N ASN B 146 10.21 5.40 0.30
CA ASN B 146 8.94 5.38 1.00
C ASN B 146 8.57 6.75 1.53
N ALA B 147 9.56 7.55 1.93
CA ALA B 147 9.26 8.91 2.37
C ALA B 147 8.76 9.76 1.21
N ALA B 148 9.39 9.62 0.05
CA ALA B 148 9.03 10.42 -1.12
C ALA B 148 7.64 10.07 -1.63
N CYS B 149 7.34 8.76 -1.79
CA CYS B 149 5.97 8.38 -2.14
C CYS B 149 4.97 8.91 -1.13
N GLN B 150 5.34 8.90 0.15
CA GLN B 150 4.42 9.34 1.18
C GLN B 150 4.15 10.83 1.07
N ARG B 151 5.20 11.62 1.00
CA ARG B 151 5.02 13.06 0.90
C ARG B 151 4.40 13.46 -0.43
N LEU B 152 4.58 12.66 -1.47
CA LEU B 152 3.85 12.93 -2.71
C LEU B 152 2.37 12.59 -2.55
N ALA B 153 2.05 11.59 -1.73
CA ALA B 153 0.65 11.18 -1.59
C ALA B 153 -0.12 12.14 -0.69
N ARG B 154 0.54 12.70 0.33
CA ARG B 154 -0.08 13.75 1.15
C ARG B 154 -0.26 15.05 0.37
N ALA B 155 0.41 15.19 -0.77
CA ALA B 155 0.14 16.31 -1.63
C ALA B 155 -1.11 16.12 -2.47
N GLY B 156 -1.66 14.91 -2.49
CA GLY B 156 -2.87 14.62 -3.23
C GLY B 156 -2.70 13.80 -4.52
N VAL B 157 -1.58 13.12 -4.71
CA VAL B 157 -1.31 12.38 -5.93
C VAL B 157 -1.50 10.89 -5.65
N VAL B 158 -2.15 10.17 -6.57
CA VAL B 158 -2.44 8.77 -6.36
C VAL B 158 -1.31 7.94 -6.95
N LEU B 159 -0.63 7.17 -6.11
CA LEU B 159 0.48 6.33 -6.53
C LEU B 159 0.03 4.88 -6.47
N VAL B 160 0.26 4.17 -7.56
CA VAL B 160 -0.05 2.75 -7.66
C VAL B 160 1.24 2.01 -7.94
N THR B 161 1.47 0.91 -7.23
CA THR B 161 2.75 0.25 -7.34
C THR B 161 2.57 -1.24 -7.45
N ALA B 162 3.63 -1.91 -7.90
CA ALA B 162 3.67 -3.37 -7.99
C ALA B 162 4.18 -3.94 -6.68
N ALA B 163 3.60 -5.09 -6.30
CA ALA B 163 3.93 -5.74 -5.03
C ALA B 163 5.33 -6.33 -5.03
N GLY B 164 5.77 -6.86 -6.17
CA GLY B 164 7.05 -7.52 -6.30
C GLY B 164 6.94 -8.94 -6.82
N ASN B 165 7.99 -9.43 -7.49
CA ASN B 165 7.94 -10.68 -8.22
C ASN B 165 8.69 -11.83 -7.54
N PHE B 166 8.76 -11.83 -6.22
CA PHE B 166 9.72 -12.69 -5.53
C PHE B 166 9.08 -13.69 -4.56
N ARG B 167 7.75 -13.86 -4.61
CA ARG B 167 7.03 -14.80 -3.74
C ARG B 167 7.32 -14.53 -2.26
N ASP B 168 7.32 -13.26 -1.91
CA ASP B 168 7.86 -12.81 -0.64
C ASP B 168 6.84 -11.89 0.02
N ASP B 169 7.24 -11.35 1.16
CA ASP B 169 6.46 -10.33 1.84
C ASP B 169 6.76 -8.98 1.19
N ALA B 170 5.72 -8.34 0.66
CA ALA B 170 5.94 -7.07 -0.05
C ALA B 170 6.42 -5.96 0.87
N CYS B 171 6.26 -6.11 2.19
CA CYS B 171 6.79 -5.09 3.10
C CYS B 171 8.30 -4.97 3.05
N LEU B 172 9.00 -5.95 2.49
CA LEU B 172 10.45 -5.93 2.38
C LEU B 172 10.93 -5.25 1.10
N TYR B 173 10.09 -4.46 0.46
CA TYR B 173 10.40 -3.92 -0.86
C TYR B 173 9.82 -2.52 -0.98
N SER B 174 10.37 -1.75 -1.90
CA SER B 174 9.87 -0.40 -2.08
C SER B 174 9.60 -0.14 -3.55
N PRO B 175 8.59 0.69 -3.86
CA PRO B 175 7.71 1.37 -2.92
C PRO B 175 6.56 0.51 -2.43
N ALA B 176 6.60 -0.80 -2.71
CA ALA B 176 5.50 -1.67 -2.30
C ALA B 176 5.14 -1.47 -0.83
N SER B 177 6.14 -1.34 0.03
CA SER B 177 5.86 -1.18 1.46
C SER B 177 5.49 0.25 1.84
N ALA B 178 5.47 1.18 0.89
CA ALA B 178 5.34 2.59 1.22
C ALA B 178 3.99 2.90 1.87
N PRO B 179 3.96 3.87 2.79
CA PRO B 179 2.69 4.37 3.32
C PRO B 179 1.97 5.18 2.24
N GLU B 180 0.69 4.87 2.04
CA GLU B 180 -0.19 5.69 1.22
C GLU B 180 0.04 5.43 -0.27
N VAL B 181 0.55 4.27 -0.61
CA VAL B 181 0.57 3.83 -2.00
C VAL B 181 -0.25 2.54 -2.09
N ILE B 182 -1.03 2.45 -3.16
CA ILE B 182 -1.75 1.22 -3.47
C ILE B 182 -0.74 0.21 -4.01
N THR B 183 -0.57 -0.90 -3.29
CA THR B 183 0.32 -1.98 -3.70
C THR B 183 -0.49 -3.16 -4.24
N VAL B 184 -0.13 -3.64 -5.42
CA VAL B 184 -0.94 -4.61 -6.16
C VAL B 184 -0.10 -5.86 -6.46
N GLY B 185 -0.61 -7.02 -6.04
CA GLY B 185 -0.05 -8.30 -6.44
C GLY B 185 -0.81 -8.87 -7.62
N ALA B 186 -0.24 -9.92 -8.21
CA ALA B 186 -0.77 -10.48 -9.44
C ALA B 186 -1.56 -11.75 -9.19
N THR B 187 -2.55 -12.01 -10.06
CA THR B 187 -3.24 -13.29 -10.10
C THR B 187 -3.46 -13.67 -11.57
N ASN B 188 -3.64 -14.98 -11.80
CA ASN B 188 -3.79 -15.51 -13.14
C ASN B 188 -5.25 -15.85 -13.43
N ALA B 189 -5.47 -16.48 -14.59
CA ALA B 189 -6.81 -16.67 -15.12
C ALA B 189 -7.65 -17.66 -14.32
N GLN B 190 -7.03 -18.42 -13.40
CA GLN B 190 -7.77 -19.27 -12.48
C GLN B 190 -7.82 -18.70 -11.07
N ASP B 191 -7.78 -17.37 -10.95
CA ASP B 191 -7.94 -16.68 -9.67
C ASP B 191 -7.00 -17.25 -8.60
N GLN B 192 -5.77 -17.56 -8.99
CA GLN B 192 -4.79 -18.03 -8.03
C GLN B 192 -3.51 -17.20 -8.16
N PRO B 193 -2.73 -17.10 -7.08
CA PRO B 193 -1.51 -16.27 -7.11
C PRO B 193 -0.51 -16.76 -8.14
N VAL B 194 0.00 -15.82 -8.93
CA VAL B 194 1.05 -16.15 -9.87
C VAL B 194 2.26 -16.66 -9.10
N THR B 195 2.65 -17.90 -9.37
CA THR B 195 3.85 -18.50 -8.79
C THR B 195 4.57 -19.26 -9.90
N LEU B 196 5.90 -19.14 -9.93
CA LEU B 196 6.77 -19.79 -10.94
C LEU B 196 8.08 -20.18 -10.27
N GLY B 197 8.13 -21.39 -9.73
CA GLY B 197 9.30 -21.80 -8.97
C GLY B 197 9.43 -20.95 -7.72
N THR B 198 10.65 -20.47 -7.46
CA THR B 198 10.88 -19.53 -6.37
C THR B 198 10.42 -18.11 -6.69
N LEU B 199 10.02 -17.84 -7.93
CA LEU B 199 9.45 -16.55 -8.29
C LEU B 199 7.93 -16.62 -8.20
N GLY B 200 7.31 -15.44 -8.15
CA GLY B 200 5.87 -15.32 -8.05
C GLY B 200 5.49 -14.02 -7.34
N THR B 201 4.17 -13.80 -7.22
CA THR B 201 3.71 -12.55 -6.63
C THR B 201 4.07 -12.47 -5.15
N ASN B 202 4.29 -11.24 -4.69
CA ASN B 202 4.48 -10.95 -3.29
C ASN B 202 3.13 -10.86 -2.60
N PHE B 203 3.17 -10.84 -1.27
CA PHE B 203 1.96 -10.94 -0.48
C PHE B 203 2.17 -10.21 0.83
N GLY B 204 1.15 -10.21 1.67
CA GLY B 204 1.26 -9.72 3.03
C GLY B 204 0.40 -8.49 3.26
N ARG B 205 0.55 -7.97 4.49
CA ARG B 205 -0.23 -6.82 4.93
C ARG B 205 0.03 -5.57 4.11
N CYS B 206 1.16 -5.51 3.39
CA CYS B 206 1.49 -4.37 2.56
C CYS B 206 0.89 -4.45 1.16
N VAL B 207 0.24 -5.55 0.82
CA VAL B 207 -0.46 -5.69 -0.45
C VAL B 207 -1.91 -5.29 -0.23
N ASP B 208 -2.39 -4.34 -1.02
CA ASP B 208 -3.73 -3.80 -0.83
C ASP B 208 -4.78 -4.64 -1.54
N LEU B 209 -4.43 -5.16 -2.72
CA LEU B 209 -5.32 -6.02 -3.49
C LEU B 209 -4.52 -6.68 -4.59
N PHE B 210 -5.18 -7.60 -5.28
CA PHE B 210 -4.62 -8.33 -6.41
C PHE B 210 -5.35 -7.94 -7.68
N ALA B 211 -4.68 -8.13 -8.80
CA ALA B 211 -5.25 -7.83 -10.10
C ALA B 211 -4.69 -8.80 -11.12
N PRO B 212 -5.41 -9.04 -12.23
CA PRO B 212 -4.85 -9.82 -13.34
C PRO B 212 -3.43 -9.44 -13.70
N GLY B 213 -2.52 -10.42 -13.65
CA GLY B 213 -1.11 -10.15 -13.90
C GLY B 213 -0.33 -11.28 -14.54
N GLU B 214 -0.99 -12.37 -14.91
CA GLU B 214 -0.35 -13.44 -15.66
C GLU B 214 -1.05 -13.61 -16.99
N ASP B 215 -0.28 -13.69 -18.07
CA ASP B 215 -0.84 -13.87 -19.41
C ASP B 215 -1.67 -12.65 -19.80
N ILE B 216 -1.06 -11.46 -19.69
CA ILE B 216 -1.72 -10.19 -19.98
C ILE B 216 -1.27 -9.73 -21.35
N ILE B 217 -2.22 -9.61 -22.29
CA ILE B 217 -1.92 -9.25 -23.68
C ILE B 217 -1.84 -7.74 -23.82
N GLY B 218 -0.75 -7.25 -24.40
CA GLY B 218 -0.58 -5.82 -24.55
C GLY B 218 0.31 -5.47 -25.72
N ALA B 219 0.55 -4.17 -25.87
CA ALA B 219 1.28 -3.63 -27.02
C ALA B 219 2.75 -4.05 -26.99
N SER B 220 3.20 -4.69 -28.06
CA SER B 220 4.55 -5.25 -28.12
C SER B 220 5.46 -4.31 -28.91
N SER B 221 6.61 -3.99 -28.33
CA SER B 221 7.51 -3.01 -28.92
C SER B 221 8.20 -3.54 -30.18
N ASP B 222 7.76 -4.68 -30.70
CA ASP B 222 8.36 -5.22 -31.92
C ASP B 222 7.92 -4.45 -33.16
N CYS B 223 6.62 -4.15 -33.27
CA CYS B 223 6.07 -3.39 -34.38
C CYS B 223 5.12 -2.36 -33.83
N SER B 224 4.64 -1.49 -34.72
CA SER B 224 3.64 -0.51 -34.34
C SER B 224 2.26 -1.11 -34.18
N THR B 225 2.08 -2.37 -34.58
CA THR B 225 0.78 -3.02 -34.58
C THR B 225 0.76 -4.31 -33.76
N CYS B 226 1.91 -4.81 -33.35
CA CYS B 226 2.03 -6.14 -32.79
C CYS B 226 1.72 -6.19 -31.30
N PHE B 227 1.42 -7.39 -30.83
CA PHE B 227 1.01 -7.64 -29.46
C PHE B 227 1.85 -8.77 -28.87
N VAL B 228 2.00 -8.74 -27.55
CA VAL B 228 2.74 -9.76 -26.80
C VAL B 228 1.96 -10.04 -25.52
N SER B 229 2.24 -11.20 -24.93
CA SER B 229 1.68 -11.56 -23.63
C SER B 229 2.78 -11.53 -22.58
N GLN B 230 2.57 -10.74 -21.52
CA GLN B 230 3.56 -10.55 -20.48
C GLN B 230 2.93 -10.82 -19.12
N SER B 231 3.80 -10.99 -18.11
CA SER B 231 3.40 -11.35 -16.76
C SER B 231 4.19 -10.52 -15.77
N GLY B 232 3.54 -10.10 -14.70
CA GLY B 232 4.26 -9.33 -13.70
C GLY B 232 3.34 -8.65 -12.73
N THR B 233 3.85 -8.28 -11.54
CA THR B 233 3.02 -7.52 -10.62
C THR B 233 2.84 -6.09 -11.10
N SER B 234 3.70 -5.64 -12.02
CA SER B 234 3.44 -4.35 -12.68
C SER B 234 2.32 -4.47 -13.70
N GLN B 235 2.07 -5.67 -14.25
CA GLN B 235 0.88 -5.84 -15.10
C GLN B 235 -0.38 -5.79 -14.25
N ALA B 236 -0.34 -6.36 -13.06
CA ALA B 236 -1.44 -6.22 -12.11
C ALA B 236 -1.62 -4.76 -11.70
N ALA B 237 -0.50 -4.07 -11.42
CA ALA B 237 -0.56 -2.67 -11.08
C ALA B 237 -1.19 -1.85 -12.20
N ALA B 238 -0.99 -2.28 -13.44
CA ALA B 238 -1.46 -1.51 -14.58
C ALA B 238 -2.97 -1.55 -14.69
N HIS B 239 -3.59 -2.70 -14.38
CA HIS B 239 -5.05 -2.76 -14.35
C HIS B 239 -5.62 -1.80 -13.32
N VAL B 240 -4.95 -1.68 -12.18
CA VAL B 240 -5.48 -0.86 -11.09
C VAL B 240 -5.29 0.63 -11.37
N ALA B 241 -4.15 1.01 -11.98
CA ALA B 241 -3.99 2.41 -12.37
C ALA B 241 -5.07 2.81 -13.36
N GLY B 242 -5.43 1.91 -14.28
CA GLY B 242 -6.52 2.19 -15.19
C GLY B 242 -7.88 2.20 -14.51
N ILE B 243 -8.11 1.25 -13.59
CA ILE B 243 -9.35 1.27 -12.82
C ILE B 243 -9.46 2.57 -12.02
N ALA B 244 -8.33 3.03 -11.46
CA ALA B 244 -8.37 4.27 -10.70
C ALA B 244 -8.53 5.47 -11.62
N ALA B 245 -7.94 5.42 -12.82
CA ALA B 245 -8.08 6.52 -13.77
C ALA B 245 -9.52 6.71 -14.17
N MET B 246 -10.23 5.61 -14.45
CA MET B 246 -11.65 5.70 -14.72
C MET B 246 -12.42 6.11 -13.49
N MET B 247 -12.02 5.61 -12.32
CA MET B 247 -12.69 5.99 -11.09
C MET B 247 -12.59 7.48 -10.83
N LEU B 248 -11.40 8.05 -11.06
CA LEU B 248 -11.16 9.45 -10.77
C LEU B 248 -11.75 10.39 -11.81
N SER B 249 -12.23 9.90 -12.95
CA SER B 249 -12.95 10.76 -13.86
C SER B 249 -14.44 10.81 -13.55
N ALA B 250 -15.01 9.70 -13.06
CA ALA B 250 -16.40 9.72 -12.63
C ALA B 250 -16.59 10.59 -11.38
N GLU B 251 -15.58 10.61 -10.50
CA GLU B 251 -15.63 11.39 -9.26
C GLU B 251 -14.23 11.96 -9.00
N PRO B 252 -13.96 13.13 -9.62
CA PRO B 252 -12.59 13.69 -9.46
C PRO B 252 -12.27 14.15 -8.06
N GLU B 253 -13.25 14.36 -7.19
CA GLU B 253 -12.96 14.90 -5.87
C GLU B 253 -12.42 13.86 -4.91
N LEU B 254 -12.34 12.59 -5.33
CA LEU B 254 -11.97 11.52 -4.42
C LEU B 254 -10.59 11.74 -3.83
N THR B 255 -10.50 11.68 -2.51
CA THR B 255 -9.21 11.57 -1.84
C THR B 255 -8.65 10.17 -2.03
N LEU B 256 -7.37 9.99 -1.68
CA LEU B 256 -6.79 8.66 -1.84
C LEU B 256 -7.39 7.66 -0.86
N ALA B 257 -7.69 8.08 0.36
CA ALA B 257 -8.43 7.21 1.26
C ALA B 257 -9.72 6.76 0.62
N GLU B 258 -10.47 7.70 0.04
CA GLU B 258 -11.74 7.36 -0.60
C GLU B 258 -11.54 6.39 -1.77
N LEU B 259 -10.50 6.60 -2.56
CA LEU B 259 -10.27 5.73 -3.71
C LEU B 259 -9.96 4.31 -3.27
N ARG B 260 -9.00 4.15 -2.36
CA ARG B 260 -8.62 2.83 -1.87
C ARG B 260 -9.80 2.11 -1.23
N GLN B 261 -10.70 2.83 -0.59
CA GLN B 261 -11.87 2.16 -0.04
C GLN B 261 -12.77 1.63 -1.15
N ARG B 262 -12.91 2.39 -2.24
CA ARG B 262 -13.72 1.94 -3.36
C ARG B 262 -13.04 0.80 -4.08
N LEU B 263 -11.72 0.90 -4.28
CA LEU B 263 -10.96 -0.18 -4.88
C LEU B 263 -11.18 -1.49 -4.13
N ILE B 264 -11.17 -1.45 -2.79
CA ILE B 264 -11.41 -2.67 -2.02
C ILE B 264 -12.87 -3.09 -2.15
N HIS B 265 -13.80 -2.15 -1.99
CA HIS B 265 -15.22 -2.48 -1.99
C HIS B 265 -15.66 -3.14 -3.30
N PHE B 266 -15.22 -2.61 -4.44
CA PHE B 266 -15.63 -3.11 -5.74
C PHE B 266 -14.83 -4.33 -6.22
N SER B 267 -13.87 -4.82 -5.44
CA SER B 267 -13.13 -5.99 -5.86
C SER B 267 -13.97 -7.25 -5.69
N ALA B 268 -13.52 -8.31 -6.35
CA ALA B 268 -14.04 -9.65 -6.07
C ALA B 268 -13.38 -10.16 -4.80
N LYS B 269 -14.21 -10.67 -3.89
CA LYS B 269 -13.74 -11.09 -2.58
C LYS B 269 -13.77 -12.60 -2.46
N ASP B 270 -12.70 -13.16 -1.88
CA ASP B 270 -12.62 -14.59 -1.53
C ASP B 270 -12.62 -15.49 -2.77
N VAL B 271 -11.89 -15.12 -3.81
CA VAL B 271 -11.72 -15.98 -4.96
C VAL B 271 -10.33 -16.61 -5.01
N ILE B 272 -9.31 -15.97 -4.42
CA ILE B 272 -7.95 -16.46 -4.47
C ILE B 272 -7.82 -17.69 -3.59
N ASN B 273 -6.98 -18.64 -4.03
CA ASN B 273 -6.71 -19.86 -3.28
C ASN B 273 -5.58 -19.59 -2.29
N GLU B 274 -5.95 -19.22 -1.06
CA GLU B 274 -4.99 -18.78 -0.05
C GLU B 274 -3.92 -19.84 0.24
N ALA B 275 -4.18 -21.09 -0.14
CA ALA B 275 -3.23 -22.17 0.09
C ALA B 275 -1.93 -22.00 -0.71
N TRP B 276 -1.92 -21.10 -1.69
CA TRP B 276 -0.70 -20.83 -2.45
C TRP B 276 0.28 -19.96 -1.69
N PHE B 277 -0.19 -19.23 -0.55
CA PHE B 277 0.63 -18.37 0.30
C PHE B 277 1.17 -19.15 1.49
N PRO B 278 2.34 -18.76 2.00
CA PRO B 278 2.80 -19.32 3.28
C PRO B 278 1.69 -19.26 4.32
N GLU B 279 1.73 -20.20 5.26
CA GLU B 279 0.63 -20.32 6.21
C GLU B 279 0.43 -19.03 7.00
N ASP B 280 1.52 -18.44 7.48
CA ASP B 280 1.42 -17.26 8.33
C ASP B 280 1.01 -16.01 7.57
N GLN B 281 1.09 -16.00 6.25
CA GLN B 281 0.73 -14.81 5.47
C GLN B 281 -0.71 -14.83 4.97
N ARG B 282 -1.47 -15.89 5.23
CA ARG B 282 -2.81 -15.99 4.65
C ARG B 282 -3.79 -15.05 5.34
N VAL B 283 -3.66 -14.87 6.66
CA VAL B 283 -4.48 -13.86 7.32
C VAL B 283 -4.05 -12.47 6.86
N LEU B 284 -2.73 -12.23 6.79
CA LEU B 284 -2.21 -10.91 6.42
C LEU B 284 -2.45 -10.56 4.95
N THR B 285 -2.83 -11.52 4.11
CA THR B 285 -2.94 -11.15 2.72
C THR B 285 -4.41 -11.01 2.34
N PRO B 286 -4.79 -9.86 1.80
CA PRO B 286 -6.21 -9.64 1.48
C PRO B 286 -6.62 -10.49 0.29
N ASN B 287 -7.81 -11.09 0.40
CA ASN B 287 -8.35 -11.92 -0.67
C ASN B 287 -9.25 -11.07 -1.57
N LEU B 288 -8.62 -10.16 -2.29
CA LEU B 288 -9.34 -9.25 -3.18
C LEU B 288 -8.73 -9.30 -4.57
N VAL B 289 -9.58 -9.34 -5.59
CA VAL B 289 -9.15 -9.24 -6.98
C VAL B 289 -9.87 -8.04 -7.58
N ALA B 290 -9.09 -7.09 -8.09
CA ALA B 290 -9.62 -5.78 -8.50
C ALA B 290 -10.70 -5.91 -9.56
N ALA B 291 -11.63 -4.95 -9.55
CA ALA B 291 -12.66 -4.88 -10.59
C ALA B 291 -13.17 -3.45 -10.73
N LEU B 292 -13.63 -3.13 -11.93
CA LEU B 292 -14.20 -1.83 -12.20
C LEU B 292 -15.49 -1.65 -11.41
N PRO B 293 -15.85 -0.40 -11.09
CA PRO B 293 -17.13 -0.16 -10.44
C PRO B 293 -18.26 -0.47 -11.40
N PRO B 294 -19.36 -1.03 -10.90
CA PRO B 294 -20.56 -1.08 -11.72
C PRO B 294 -21.00 0.34 -12.01
N SER B 295 -21.63 0.53 -13.17
CA SER B 295 -22.13 1.85 -13.61
C SER B 295 -21.04 2.94 -13.59
N GLN B 302 -22.43 5.46 0.75
CA GLN B 302 -22.32 4.16 1.42
C GLN B 302 -21.22 4.18 2.50
N LEU B 303 -21.29 3.22 3.42
CA LEU B 303 -20.36 3.13 4.54
C LEU B 303 -19.22 2.18 4.17
N PHE B 304 -18.03 2.72 3.97
CA PHE B 304 -16.87 1.96 3.53
C PHE B 304 -15.94 1.68 4.71
N CYS B 305 -15.55 0.42 4.87
CA CYS B 305 -14.61 -0.02 5.91
C CYS B 305 -13.56 -0.92 5.29
N ARG B 306 -12.30 -0.74 5.71
CA ARG B 306 -11.26 -1.70 5.36
C ARG B 306 -10.54 -2.15 6.63
N THR B 307 -9.97 -3.34 6.57
CA THR B 307 -9.23 -3.93 7.66
C THR B 307 -7.74 -3.67 7.44
N VAL B 308 -7.07 -3.15 8.48
CA VAL B 308 -5.63 -2.87 8.43
C VAL B 308 -4.92 -3.77 9.42
N TRP B 309 -3.83 -4.40 8.99
CA TRP B 309 -3.02 -5.23 9.86
C TRP B 309 -1.75 -4.49 10.24
N SER B 310 -1.33 -4.72 11.49
CA SER B 310 -0.20 -4.02 12.09
C SER B 310 1.12 -4.69 11.75
N ALA B 311 2.17 -3.88 11.73
CA ALA B 311 3.53 -4.38 11.82
C ALA B 311 3.68 -5.08 13.17
N HIS B 312 3.88 -6.41 13.14
CA HIS B 312 4.05 -7.26 14.31
C HIS B 312 4.84 -6.60 15.44
N SER B 313 4.41 -6.83 16.69
CA SER B 313 5.00 -6.12 17.82
C SER B 313 6.32 -6.73 18.27
N GLY B 314 6.25 -7.90 18.91
CA GLY B 314 7.45 -8.54 19.39
C GLY B 314 7.17 -9.68 20.36
N PRO B 315 8.22 -10.23 20.91
CA PRO B 315 8.09 -11.40 21.84
C PRO B 315 8.10 -11.03 23.33
N THR B 316 8.21 -9.76 23.67
CA THR B 316 8.20 -9.31 25.04
C THR B 316 6.81 -9.50 25.65
N ARG B 317 6.73 -9.48 26.99
CA ARG B 317 5.44 -9.44 27.65
C ARG B 317 4.89 -8.01 27.72
N MET B 318 5.76 -7.00 27.63
CA MET B 318 5.35 -5.59 27.49
C MET B 318 5.62 -5.22 26.03
N ALA B 319 4.67 -5.56 25.15
CA ALA B 319 4.86 -5.43 23.71
C ALA B 319 3.58 -4.90 23.08
N THR B 320 3.70 -3.83 22.29
CA THR B 320 2.55 -3.22 21.64
C THR B 320 2.82 -3.05 20.15
N ALA B 321 1.84 -3.45 19.34
CA ALA B 321 1.81 -3.18 17.90
C ALA B 321 0.67 -2.21 17.62
N ILE B 322 0.83 -1.44 16.55
CA ILE B 322 -0.06 -0.33 16.26
C ILE B 322 -0.47 -0.38 14.80
N ALA B 323 -1.77 -0.45 14.54
CA ALA B 323 -2.33 -0.26 13.21
C ALA B 323 -3.11 1.04 13.19
N ARG B 324 -2.95 1.81 12.12
CA ARG B 324 -3.54 3.15 12.04
C ARG B 324 -4.25 3.35 10.71
N CYS B 325 -5.26 4.21 10.75
CA CYS B 325 -6.08 4.57 9.60
C CYS B 325 -5.51 5.79 8.89
N ALA B 326 -6.06 6.04 7.69
CA ALA B 326 -5.70 7.23 6.93
C ALA B 326 -6.09 8.50 7.69
N PRO B 327 -5.50 9.64 7.31
CA PRO B 327 -5.85 10.91 7.98
C PRO B 327 -7.33 11.25 7.97
N ASP B 328 -8.00 11.12 6.83
CA ASP B 328 -9.44 11.37 6.76
C ASP B 328 -10.26 10.09 6.93
N GLU B 329 -9.77 9.15 7.73
CA GLU B 329 -10.40 7.84 7.92
C GLU B 329 -10.60 7.61 9.41
N GLU B 330 -11.86 7.42 9.81
CA GLU B 330 -12.19 7.17 11.21
C GLU B 330 -11.93 5.70 11.58
N LEU B 331 -11.60 5.47 12.86
CA LEU B 331 -11.32 4.15 13.39
C LEU B 331 -12.46 3.73 14.30
N LEU B 332 -13.21 2.69 13.88
CA LEU B 332 -14.42 2.31 14.59
C LEU B 332 -14.30 1.01 15.38
N SER B 333 -13.24 0.23 15.18
CA SER B 333 -13.04 -0.97 15.97
C SER B 333 -11.56 -1.31 15.99
N CYS B 334 -11.22 -2.29 16.81
CA CYS B 334 -9.83 -2.68 17.02
C CYS B 334 -9.84 -4.07 17.65
N SER B 335 -8.97 -4.96 17.14
CA SER B 335 -8.88 -6.32 17.65
C SER B 335 -7.43 -6.78 17.52
N SER B 336 -7.18 -8.04 17.88
CA SER B 336 -5.82 -8.54 17.93
C SER B 336 -5.81 -10.02 17.59
N PHE B 337 -4.63 -10.50 17.17
CA PHE B 337 -4.43 -11.90 16.81
C PHE B 337 -3.04 -12.31 17.25
N SER B 338 -2.97 -13.33 18.10
CA SER B 338 -1.73 -13.98 18.49
C SER B 338 -1.75 -15.38 17.91
N ARG B 339 -0.76 -15.70 17.07
CA ARG B 339 -0.65 -17.07 16.59
C ARG B 339 -0.51 -18.04 17.76
N SER B 340 0.00 -17.57 18.90
CA SER B 340 0.20 -18.45 20.05
C SER B 340 -1.11 -18.74 20.76
N GLY B 341 -1.87 -17.68 21.03
CA GLY B 341 -2.97 -17.69 21.97
C GLY B 341 -2.73 -16.79 23.16
N LYS B 342 -1.50 -16.77 23.67
CA LYS B 342 -1.16 -15.94 24.83
C LYS B 342 -1.11 -14.48 24.39
N ARG B 343 -2.19 -13.77 24.71
CA ARG B 343 -2.48 -12.41 24.26
C ARG B 343 -3.00 -11.62 25.45
N ARG B 344 -2.82 -10.29 25.41
CA ARG B 344 -3.36 -9.45 26.47
C ARG B 344 -4.38 -8.45 25.94
N GLY B 345 -4.95 -8.71 24.77
CA GLY B 345 -6.03 -7.89 24.25
C GLY B 345 -5.56 -6.67 23.49
N GLU B 346 -6.47 -5.69 23.41
CA GLU B 346 -6.27 -4.53 22.55
C GLU B 346 -7.05 -3.36 23.11
N ARG B 347 -6.67 -2.15 22.68
CA ARG B 347 -7.37 -0.98 23.17
C ARG B 347 -7.20 0.17 22.19
N MET B 348 -8.19 1.06 22.17
CA MET B 348 -8.19 2.22 21.30
C MET B 348 -7.74 3.44 22.08
N GLU B 349 -6.72 4.13 21.57
CA GLU B 349 -6.07 5.25 22.24
C GLU B 349 -5.86 6.39 21.25
N ALA B 350 -5.92 7.62 21.74
CA ALA B 350 -5.68 8.78 20.89
C ALA B 350 -4.19 9.09 20.85
N GLN B 351 -3.68 9.35 19.64
CA GLN B 351 -2.26 9.61 19.43
C GLN B 351 -2.13 10.61 18.29
N GLY B 352 -1.47 11.74 18.56
CA GLY B 352 -1.37 12.79 17.57
C GLY B 352 -2.71 13.35 17.14
N GLY B 353 -3.75 13.18 17.96
CA GLY B 353 -5.08 13.63 17.63
C GLY B 353 -5.91 12.64 16.85
N LYS B 354 -5.48 11.38 16.75
CA LYS B 354 -6.14 10.36 15.94
C LYS B 354 -6.39 9.13 16.78
N LEU B 355 -7.57 8.54 16.64
CA LEU B 355 -7.83 7.23 17.24
C LEU B 355 -6.87 6.21 16.66
N VAL B 356 -6.23 5.43 17.52
CA VAL B 356 -5.32 4.39 17.06
C VAL B 356 -5.56 3.11 17.85
N CYS B 357 -5.30 1.98 17.20
CA CYS B 357 -5.52 0.66 17.78
C CYS B 357 -4.19 0.05 18.20
N ARG B 358 -4.15 -0.45 19.44
CA ARG B 358 -2.92 -0.96 20.05
C ARG B 358 -3.22 -2.31 20.71
N ALA B 359 -2.45 -3.34 20.36
CA ALA B 359 -2.65 -4.69 20.87
C ALA B 359 -1.49 -5.09 21.79
N HIS B 360 -1.83 -5.75 22.89
CA HIS B 360 -0.86 -6.10 23.92
C HIS B 360 -0.53 -7.58 23.87
N ASN B 361 0.75 -7.89 24.04
CA ASN B 361 1.23 -9.26 24.09
C ASN B 361 1.33 -9.73 25.53
N ALA B 362 1.24 -11.05 25.71
CA ALA B 362 1.37 -11.66 27.03
C ALA B 362 2.82 -11.65 27.48
N GLY B 365 4.48 -15.00 25.68
CA GLY B 365 3.93 -14.35 24.52
C GLY B 365 4.76 -14.47 23.25
N GLU B 366 4.24 -15.18 22.26
CA GLU B 366 4.90 -15.24 20.95
C GLU B 366 5.01 -13.86 20.33
N GLY B 367 3.91 -13.12 20.32
CA GLY B 367 3.79 -11.87 19.59
C GLY B 367 2.37 -11.73 19.08
N VAL B 368 1.98 -10.51 18.77
CA VAL B 368 0.61 -10.20 18.41
C VAL B 368 0.55 -9.22 17.24
N TYR B 369 -0.57 -9.27 16.52
CA TYR B 369 -0.92 -8.25 15.54
C TYR B 369 -2.04 -7.38 16.08
N ALA B 370 -2.05 -6.12 15.65
CA ALA B 370 -3.18 -5.21 15.91
C ALA B 370 -3.97 -5.06 14.62
N ILE B 371 -5.26 -5.38 14.67
CA ILE B 371 -6.12 -5.43 13.50
C ILE B 371 -7.14 -4.29 13.64
N ALA B 372 -6.93 -3.21 12.90
CA ALA B 372 -7.82 -2.07 12.96
C ALA B 372 -8.87 -2.12 11.86
N ARG B 373 -10.05 -1.58 12.16
CA ARG B 373 -11.13 -1.46 11.19
C ARG B 373 -11.27 0.03 10.86
N CYS B 374 -10.80 0.40 9.68
CA CYS B 374 -10.68 1.80 9.27
C CYS B 374 -11.81 2.14 8.30
N CYS B 375 -12.70 3.05 8.72
CA CYS B 375 -13.91 3.38 7.98
C CYS B 375 -13.90 4.84 7.54
N LEU B 376 -14.68 5.08 6.48
CA LEU B 376 -14.89 6.39 5.88
C LEU B 376 -16.30 6.85 6.27
N LEU B 377 -16.39 7.72 7.25
CA LEU B 377 -17.68 8.22 7.73
C LEU B 377 -17.68 9.74 7.79
N PRO B 378 -18.46 10.40 6.94
CA PRO B 378 -18.66 11.85 7.08
C PRO B 378 -19.86 12.15 7.97
N GLN B 379 -19.87 13.37 8.50
CA GLN B 379 -20.88 13.83 9.45
C GLN B 379 -20.94 12.88 10.66
N ALA B 380 -19.78 12.60 11.25
CA ALA B 380 -19.73 11.69 12.37
C ALA B 380 -18.55 12.02 13.27
N ASN B 381 -18.83 12.24 14.55
CA ASN B 381 -17.80 12.39 15.57
C ASN B 381 -17.71 11.08 16.35
N CYS B 382 -16.50 10.52 16.45
CA CYS B 382 -16.29 9.25 17.12
C CYS B 382 -15.45 9.44 18.36
N SER B 383 -15.75 8.65 19.39
CA SER B 383 -15.11 8.79 20.70
C SER B 383 -15.00 7.42 21.35
N VAL B 384 -13.95 7.24 22.15
CA VAL B 384 -13.70 6.00 22.89
C VAL B 384 -14.21 6.15 24.32
N HIS B 385 -14.88 5.10 24.83
CA HIS B 385 -15.43 5.05 26.19
C HIS B 385 -14.92 3.79 26.87
N THR B 386 -13.94 3.95 27.77
CA THR B 386 -13.30 2.82 28.42
C THR B 386 -13.88 2.65 29.82
N ALA B 387 -14.52 1.50 30.06
CA ALA B 387 -15.23 1.22 31.30
C ALA B 387 -15.35 -0.29 31.45
N PRO B 388 -15.66 -0.79 32.65
CA PRO B 388 -15.83 -2.26 32.82
C PRO B 388 -17.05 -2.76 32.08
N PRO B 389 -17.26 -4.09 32.02
CA PRO B 389 -18.46 -4.57 31.33
C PRO B 389 -19.70 -4.54 32.22
N THR B 396 -27.13 -4.23 33.62
CA THR B 396 -27.11 -4.03 32.17
C THR B 396 -26.68 -2.59 31.83
N ARG B 397 -25.37 -2.40 31.72
CA ARG B 397 -24.82 -1.10 31.38
C ARG B 397 -24.76 -0.93 29.88
N VAL B 398 -24.72 0.34 29.45
CA VAL B 398 -24.47 0.69 28.06
C VAL B 398 -23.37 1.73 28.05
N HIS B 399 -22.48 1.64 27.07
CA HIS B 399 -21.30 2.49 27.06
C HIS B 399 -21.54 3.80 26.34
N CYS B 400 -22.26 3.76 25.22
CA CYS B 400 -22.64 4.96 24.48
C CYS B 400 -24.06 5.38 24.87
N HIS B 401 -24.18 5.79 26.14
CA HIS B 401 -25.49 6.16 26.68
C HIS B 401 -26.03 7.46 26.08
N GLN B 402 -25.16 8.30 25.53
CA GLN B 402 -25.57 9.52 24.85
C GLN B 402 -26.54 9.18 23.73
N GLN B 403 -27.78 9.66 23.84
CA GLN B 403 -28.81 9.37 22.86
C GLN B 403 -28.36 9.76 21.45
N GLY B 404 -28.66 8.90 20.47
CA GLY B 404 -28.30 9.14 19.09
C GLY B 404 -26.94 8.62 18.68
N HIS B 405 -26.10 8.20 19.63
CA HIS B 405 -24.78 7.67 19.34
C HIS B 405 -24.88 6.16 19.11
N VAL B 406 -24.04 5.65 18.22
CA VAL B 406 -24.02 4.23 17.89
C VAL B 406 -22.73 3.62 18.41
N LEU B 407 -22.83 2.35 18.78
CA LEU B 407 -21.67 1.55 19.16
C LEU B 407 -21.14 0.84 17.92
N THR B 408 -19.95 1.23 17.46
CA THR B 408 -19.37 0.70 16.24
C THR B 408 -18.35 -0.41 16.47
N GLY B 409 -17.77 -0.51 17.66
CA GLY B 409 -16.79 -1.54 17.92
C GLY B 409 -16.38 -1.66 19.38
N CYS B 410 -16.09 -2.88 19.82
CA CYS B 410 -15.79 -3.20 21.21
C CYS B 410 -14.38 -3.77 21.30
N SER B 411 -13.54 -3.18 22.14
CA SER B 411 -12.21 -3.73 22.39
C SER B 411 -12.11 -4.19 23.85
N SER B 412 -11.04 -4.92 24.15
CA SER B 412 -10.92 -5.55 25.46
C SER B 412 -9.46 -5.88 25.74
N HIS B 413 -8.96 -5.43 26.89
CA HIS B 413 -7.61 -5.72 27.33
C HIS B 413 -7.56 -5.88 28.85
N TRP B 414 -6.66 -6.74 29.31
CA TRP B 414 -6.49 -7.03 30.72
C TRP B 414 -5.00 -7.10 31.03
N GLU B 415 -4.67 -7.04 32.32
CA GLU B 415 -3.28 -6.99 32.77
C GLU B 415 -2.75 -8.32 33.27
N VAL B 416 -3.49 -9.06 34.10
CA VAL B 416 -3.05 -10.35 34.63
C VAL B 416 -3.65 -11.45 33.76
N GLU B 417 -2.90 -12.55 33.60
CA GLU B 417 -3.11 -13.49 32.51
C GLU B 417 -4.23 -14.50 32.76
N ASP B 418 -4.77 -14.57 33.97
CA ASP B 418 -5.82 -15.56 34.27
C ASP B 418 -7.05 -15.40 33.36
N GLN B 432 -29.95 -5.60 23.39
CA GLN B 432 -28.85 -4.94 24.08
C GLN B 432 -27.78 -4.48 23.07
N PRO B 433 -28.05 -3.39 22.34
CA PRO B 433 -27.24 -3.09 21.14
C PRO B 433 -25.99 -2.26 21.39
N ASN B 434 -26.07 -1.24 22.25
CA ASN B 434 -24.93 -0.35 22.52
C ASN B 434 -24.18 -0.75 23.78
N GLN B 435 -23.93 -2.04 23.93
CA GLN B 435 -23.27 -2.61 25.10
C GLN B 435 -22.16 -3.56 24.65
N CYS B 436 -21.03 -3.48 25.35
CA CYS B 436 -19.89 -4.38 25.15
C CYS B 436 -19.84 -5.33 26.33
N VAL B 437 -19.72 -6.63 26.07
CA VAL B 437 -19.70 -7.64 27.13
C VAL B 437 -18.28 -8.15 27.32
N GLY B 438 -17.92 -8.44 28.58
CA GLY B 438 -16.63 -8.99 28.90
C GLY B 438 -16.66 -9.99 30.04
N HIS B 439 -15.52 -10.24 30.68
CA HIS B 439 -15.45 -11.17 31.81
C HIS B 439 -15.04 -10.48 33.12
N GLU B 441 -13.01 -8.70 35.00
CA GLU B 441 -11.56 -8.81 35.08
C GLU B 441 -10.91 -8.15 33.88
N ALA B 442 -11.74 -7.81 32.89
CA ALA B 442 -11.28 -7.16 31.66
C ALA B 442 -11.80 -5.74 31.61
N SER B 443 -10.99 -4.85 31.01
CA SER B 443 -11.36 -3.47 30.77
C SER B 443 -11.76 -3.30 29.31
N ILE B 444 -12.90 -2.66 29.08
CA ILE B 444 -13.51 -2.57 27.75
C ILE B 444 -13.24 -1.19 27.17
N HIS B 445 -13.06 -1.13 25.85
CA HIS B 445 -12.88 0.14 25.13
C HIS B 445 -13.87 0.20 23.98
N ALA B 446 -15.06 0.74 24.26
CA ALA B 446 -16.03 0.93 23.21
C ALA B 446 -15.68 2.17 22.39
N SER B 447 -15.95 2.10 21.08
CA SER B 447 -15.89 3.27 20.23
C SER B 447 -17.30 3.63 19.80
N CYS B 448 -17.71 4.86 20.09
CA CYS B 448 -19.07 5.32 19.88
C CYS B 448 -19.05 6.55 19.00
N CYS B 449 -19.86 6.53 17.93
CA CYS B 449 -19.90 7.63 16.98
C CYS B 449 -21.28 8.27 16.99
N HIS B 450 -21.30 9.60 16.93
CA HIS B 450 -22.53 10.35 16.66
C HIS B 450 -22.68 10.40 15.14
N ALA B 451 -23.73 9.75 14.63
CA ALA B 451 -23.89 9.67 13.18
C ALA B 451 -25.37 9.61 12.82
N PRO B 452 -25.85 10.52 11.97
CA PRO B 452 -27.29 10.61 11.72
C PRO B 452 -27.82 9.42 10.96
N GLY B 453 -27.29 9.18 9.75
CA GLY B 453 -27.78 8.09 8.92
C GLY B 453 -27.37 6.72 9.38
N LEU B 454 -26.43 6.62 10.32
CA LEU B 454 -25.88 5.33 10.68
C LEU B 454 -26.87 4.51 11.48
N GLU B 455 -26.97 3.23 11.12
CA GLU B 455 -27.81 2.26 11.79
C GLU B 455 -26.96 1.03 12.03
N CYS B 456 -26.96 0.51 13.27
CA CYS B 456 -26.06 -0.58 13.60
C CYS B 456 -26.83 -1.69 14.31
N LYS B 457 -26.47 -2.93 13.96
CA LYS B 457 -27.02 -4.11 14.58
C LYS B 457 -25.88 -5.06 14.92
N VAL B 458 -26.09 -5.87 15.96
CA VAL B 458 -25.07 -6.79 16.45
C VAL B 458 -25.57 -8.21 16.20
N LYS B 459 -24.89 -8.91 15.30
CA LYS B 459 -25.10 -10.33 15.05
C LYS B 459 -24.09 -11.13 15.86
N GLU B 460 -24.53 -12.27 16.46
CA GLU B 460 -23.60 -13.15 17.14
C GLU B 460 -23.90 -14.60 16.82
N HIS B 461 -22.95 -15.46 17.16
CA HIS B 461 -22.99 -16.86 16.72
C HIS B 461 -21.91 -17.59 17.49
N GLY B 462 -22.32 -18.37 18.50
CA GLY B 462 -21.40 -19.13 19.32
C GLY B 462 -21.51 -20.61 18.99
N ILE B 463 -20.38 -21.31 19.01
CA ILE B 463 -20.37 -22.73 18.67
C ILE B 463 -19.93 -23.56 19.87
N GLN B 467 -13.85 -25.63 18.63
CA GLN B 467 -13.61 -25.65 17.18
C GLN B 467 -12.59 -24.57 16.80
N GLU B 468 -11.96 -24.74 15.63
CA GLU B 468 -10.81 -23.91 15.29
C GLU B 468 -11.22 -22.48 14.91
N GLN B 469 -12.29 -22.35 14.12
CA GLN B 469 -12.61 -21.06 13.54
C GLN B 469 -14.12 -20.91 13.44
N VAL B 470 -14.65 -19.85 14.07
CA VAL B 470 -16.07 -19.51 14.04
C VAL B 470 -16.24 -18.22 13.25
N THR B 471 -17.25 -18.19 12.39
CA THR B 471 -17.49 -17.03 11.53
C THR B 471 -18.94 -16.57 11.62
N VAL B 472 -19.13 -15.26 11.44
CA VAL B 472 -20.45 -14.64 11.34
C VAL B 472 -20.32 -13.41 10.46
N ALA B 473 -21.20 -13.28 9.47
CA ALA B 473 -21.08 -12.24 8.46
C ALA B 473 -22.29 -11.31 8.47
N CYS B 474 -22.05 -10.02 8.26
CA CYS B 474 -23.14 -9.08 8.09
C CYS B 474 -23.93 -9.41 6.84
N GLU B 475 -25.23 -9.13 6.89
CA GLU B 475 -26.07 -9.34 5.72
C GLU B 475 -25.67 -8.37 4.60
N GLU B 476 -26.04 -8.75 3.38
CA GLU B 476 -25.67 -7.99 2.19
C GLU B 476 -26.31 -6.61 2.22
N GLY B 477 -25.48 -5.57 2.17
CA GLY B 477 -25.89 -4.19 2.27
C GLY B 477 -25.38 -3.50 3.53
N TRP B 478 -25.08 -4.28 4.57
CA TRP B 478 -24.44 -3.82 5.79
C TRP B 478 -22.93 -3.97 5.67
N THR B 479 -22.21 -3.14 6.43
CA THR B 479 -20.76 -3.17 6.47
C THR B 479 -20.31 -3.52 7.88
N LEU B 480 -19.44 -4.52 7.97
CA LEU B 480 -18.92 -4.94 9.26
C LEU B 480 -18.00 -3.86 9.81
N THR B 481 -18.38 -3.26 10.94
CA THR B 481 -17.52 -2.25 11.55
C THR B 481 -16.68 -2.80 12.70
N GLY B 482 -17.12 -3.85 13.36
CA GLY B 482 -16.41 -4.35 14.51
C GLY B 482 -16.55 -5.85 14.65
N CYS B 483 -15.44 -6.52 14.96
CA CYS B 483 -15.44 -7.97 15.09
C CYS B 483 -14.73 -8.33 16.38
N SER B 484 -15.40 -9.11 17.22
CA SER B 484 -14.88 -9.42 18.55
C SER B 484 -15.25 -10.84 18.92
N ALA B 485 -14.47 -11.39 19.84
CA ALA B 485 -14.69 -12.74 20.35
C ALA B 485 -15.24 -12.69 21.77
N LEU B 486 -16.23 -13.53 22.04
CA LEU B 486 -16.74 -13.70 23.39
C LEU B 486 -16.16 -14.98 23.98
N PRO B 487 -15.49 -14.90 25.13
CA PRO B 487 -14.80 -16.08 25.67
C PRO B 487 -15.78 -17.12 26.19
N GLY B 488 -15.24 -18.27 26.56
CA GLY B 488 -16.04 -19.39 27.05
C GLY B 488 -15.18 -20.60 27.38
N THR B 489 -15.69 -21.81 27.07
CA THR B 489 -15.04 -23.11 27.31
C THR B 489 -13.75 -23.31 26.47
N SER B 490 -13.22 -22.30 25.78
CA SER B 490 -12.09 -22.46 24.89
C SER B 490 -11.29 -21.17 24.86
N HIS B 491 -9.97 -21.29 24.91
CA HIS B 491 -9.11 -20.12 24.77
C HIS B 491 -9.10 -19.65 23.32
N VAL B 492 -9.31 -18.36 23.13
CA VAL B 492 -9.36 -17.76 21.79
C VAL B 492 -8.09 -16.95 21.60
N LEU B 493 -7.46 -17.10 20.43
CA LEU B 493 -6.22 -16.41 20.12
C LEU B 493 -6.42 -15.16 19.26
N GLY B 494 -7.60 -14.97 18.68
CA GLY B 494 -7.78 -13.78 17.88
C GLY B 494 -9.12 -13.67 17.17
N ALA B 495 -9.49 -12.43 16.86
CA ALA B 495 -10.72 -12.11 16.15
C ALA B 495 -10.40 -11.03 15.12
N TYR B 496 -10.73 -11.28 13.86
CA TYR B 496 -10.41 -10.30 12.83
C TYR B 496 -11.51 -10.31 11.77
N ALA B 497 -11.67 -9.16 11.13
CA ALA B 497 -12.66 -8.99 10.08
C ALA B 497 -12.05 -9.36 8.74
N VAL B 498 -12.83 -10.04 7.91
CA VAL B 498 -12.46 -10.39 6.54
C VAL B 498 -13.61 -9.89 5.66
N ASP B 499 -13.45 -8.69 5.11
CA ASP B 499 -14.53 -7.96 4.44
C ASP B 499 -15.68 -7.77 5.42
N ASN B 500 -16.82 -8.43 5.19
CA ASN B 500 -17.97 -8.33 6.07
C ASN B 500 -18.16 -9.58 6.92
N THR B 501 -17.13 -10.40 7.06
CA THR B 501 -17.19 -11.61 7.87
C THR B 501 -16.32 -11.46 9.10
N CYS B 502 -16.89 -11.73 10.26
CA CYS B 502 -16.13 -11.73 11.51
C CYS B 502 -15.62 -13.14 11.80
N VAL B 503 -14.32 -13.23 12.07
CA VAL B 503 -13.59 -14.49 12.20
C VAL B 503 -12.89 -14.52 13.55
N VAL B 504 -13.29 -15.46 14.42
CA VAL B 504 -12.62 -15.69 15.70
C VAL B 504 -11.97 -17.06 15.65
N ARG B 505 -10.71 -17.14 16.07
CA ARG B 505 -9.95 -18.39 16.08
C ARG B 505 -9.76 -18.85 17.52
N SER B 506 -10.05 -20.13 17.79
CA SER B 506 -9.88 -20.67 19.13
C SER B 506 -9.31 -22.10 19.05
N ARG B 507 -8.95 -22.61 20.22
CA ARG B 507 -8.44 -23.96 20.37
C ARG B 507 -9.18 -24.69 21.50
N ALA B 519 -16.64 -23.95 23.42
CA ALA B 519 -17.63 -22.90 23.18
C ALA B 519 -16.92 -21.57 22.93
N VAL B 520 -17.14 -21.03 21.73
CA VAL B 520 -16.56 -19.76 21.30
C VAL B 520 -17.67 -18.97 20.60
N THR B 521 -17.74 -17.67 20.87
CA THR B 521 -18.78 -16.83 20.28
C THR B 521 -18.14 -15.70 19.47
N ALA B 522 -18.47 -15.64 18.19
CA ALA B 522 -18.10 -14.52 17.35
C ALA B 522 -19.17 -13.44 17.45
N VAL B 523 -18.74 -12.18 17.53
CA VAL B 523 -19.62 -11.03 17.80
C VAL B 523 -19.31 -9.98 16.77
N ALA B 524 -20.23 -9.77 15.84
CA ALA B 524 -20.03 -8.84 14.73
C ALA B 524 -20.99 -7.67 14.85
N ILE B 525 -20.46 -6.47 14.65
CA ILE B 525 -21.25 -5.25 14.64
C ILE B 525 -21.34 -4.78 13.20
N CYS B 526 -22.55 -4.63 12.69
CA CYS B 526 -22.83 -4.28 11.30
C CYS B 526 -23.57 -2.96 11.23
N CYS B 527 -23.18 -2.10 10.29
CA CYS B 527 -23.81 -0.80 10.18
C CYS B 527 -24.14 -0.46 8.74
N ARG B 528 -25.20 0.32 8.58
CA ARG B 528 -25.74 0.76 7.29
C ARG B 528 -26.04 2.24 7.34
N SER B 529 -26.54 2.78 6.22
CA SER B 529 -26.94 4.17 6.14
C SER B 529 -28.43 4.28 5.84
N ARG B 530 -28.97 5.45 6.13
CA ARG B 530 -30.35 5.82 5.76
C ARG B 530 -30.62 7.30 6.08
C ACE C 1 4.74 -14.88 -19.91
O ACE C 1 4.49 -13.69 -19.83
CH3 ACE C 1 3.85 -15.83 -20.63
N PHE C 2 5.80 -15.42 -19.35
CA PHE C 2 6.78 -14.60 -18.64
C PHE C 2 7.86 -14.22 -19.71
N VAL C 3 8.43 -13.00 -19.64
CA VAL C 3 9.50 -12.59 -20.53
C VAL C 3 10.71 -11.98 -19.75
N SER C 4 11.92 -12.19 -20.33
CA SER C 4 13.23 -11.74 -19.80
C SER C 4 13.26 -10.25 -19.42
N THR C 5 12.51 -9.39 -20.12
CA THR C 5 12.48 -7.95 -19.80
C THR C 5 11.80 -7.64 -18.46
N ALO C 6 11.14 -8.67 -17.91
CA ALO C 6 10.37 -8.58 -16.68
CB ALO C 6 9.03 -9.45 -16.62
CG2 ALO C 6 8.03 -9.71 -17.79
OG1 ALO C 6 8.32 -8.83 -15.57
C ALO C 6 11.25 -9.06 -15.52
O ALO C 6 11.79 -10.21 -15.52
C11 WCM C 7 11.95 -9.82 -12.52
C12 WCM C 7 13.79 -11.59 -12.68
C13 WCM C 7 14.87 -11.79 -11.62
C14 WCM C 7 13.68 -12.87 -13.50
C10 WCM C 7 12.78 -8.89 -13.42
C64 WCM C 7 11.61 -12.04 -11.37
C65 WCM C 7 13.60 -7.80 -12.70
C66 WCM C 7 14.76 -8.29 -11.78
C67 WCM C 7 16.05 -8.40 -12.25
C68 WCM C 7 17.14 -8.86 -11.44
C69 WCM C 7 16.95 -9.24 -10.13
C70 WCM C 7 15.66 -9.13 -9.60
C71 WCM C 7 14.59 -8.65 -10.41
C72 WCM C 7 18.16 -9.68 -9.26
C73 WCM C 7 19.47 -9.15 -9.56
C74 WCM C 7 20.57 -9.52 -8.76
C75 WCM C 7 20.41 -10.37 -7.69
C76 WCM C 7 19.15 -10.86 -7.37
C77 WCM C 7 18.01 -10.54 -8.14
N5 WCM C 7 11.82 -8.34 -14.41
N6 WCM C 7 12.44 -11.16 -12.19
O11 WCM C 7 14.04 -13.90 -12.95
O12 WCM C 7 10.87 -9.54 -12.13
C11 WCM C 8 13.02 -14.63 -16.51
C12 WCM C 8 13.69 -16.46 -18.24
C13 WCM C 8 14.13 -17.91 -17.87
C14 WCM C 8 12.77 -16.37 -19.47
C10 WCM C 8 12.10 -14.44 -15.27
C64 WCM C 8 12.07 -16.98 -16.45
C65 WCM C 8 10.81 -13.81 -15.84
C66 WCM C 8 9.66 -13.69 -14.81
C67 WCM C 8 8.71 -12.67 -15.08
C68 WCM C 8 7.62 -12.42 -14.24
C69 WCM C 8 7.55 -13.23 -13.09
C70 WCM C 8 8.48 -14.27 -12.77
C71 WCM C 8 9.56 -14.50 -13.66
C72 WCM C 8 6.39 -12.97 -12.21
C73 WCM C 8 5.19 -12.70 -12.83
C74 WCM C 8 4.06 -12.42 -12.04
C75 WCM C 8 4.16 -12.49 -10.66
C76 WCM C 8 5.40 -12.81 -10.10
C77 WCM C 8 6.53 -13.06 -10.85
N5 WCM C 8 12.73 -13.74 -14.14
N6 WCM C 8 12.95 -15.98 -17.08
O11 WCM C 8 11.68 -15.72 -19.31
O12 WCM C 8 13.73 -13.78 -16.93
N ASP C 9 12.82 -16.61 -20.88
CA ASP C 9 11.63 -16.43 -21.76
C ASP C 9 10.67 -17.71 -21.69
N ARG C 10 10.19 -18.08 -20.46
CA ARG C 10 9.35 -19.25 -20.18
C ARG C 10 7.87 -18.94 -20.53
N PRO C 11 6.99 -19.93 -20.71
CA PRO C 11 5.60 -19.61 -21.13
C PRO C 11 4.62 -19.68 -19.95
N CYS C 12 3.38 -19.24 -20.20
CA CYS C 12 2.48 -18.94 -19.06
C CYS C 12 1.02 -19.36 -19.37
N GLY C 13 0.11 -19.19 -18.39
CA GLY C 13 -1.18 -19.86 -18.51
C GLY C 13 -1.65 -20.71 -17.30
N NH2 C 14 -0.74 -21.50 -16.68
CA CA D . 0.21 -0.44 0.94
#